data_1WRQ
#
_entry.id   1WRQ
#
_cell.length_a   75.800
_cell.length_b   75.800
_cell.length_c   133.350
_cell.angle_alpha   90.00
_cell.angle_beta   90.00
_cell.angle_gamma   120.00
#
_symmetry.space_group_name_H-M   'H 3'
#
loop_
_entity.id
_entity.type
_entity.pdbx_description
1 polymer "5'-R(*UP*UP*UP*AP*GP*UP*U)-3'"
2 polymer 'Hut operon positive regulatory protein'
3 non-polymer 'MAGNESIUM ION'
4 non-polymer HISTIDINE
5 water water
#
loop_
_entity_poly.entity_id
_entity_poly.type
_entity_poly.pdbx_seq_one_letter_code
_entity_poly.pdbx_strand_id
1 'polyribonucleotide' UUUAGUU C,D
2 'polypeptide(L)'
;TLHKERRIGRLSVLLLLNEAEESTQVEELERDGWKVCLGKVGSMDAHKVIAAIETASKKSGVIQSEGYRESHALYHATME
ALHGVTRGEMLLGSLLRTVGLRFAVLRGNPYESEAEGDWIAVSLYGTIGAPIKGLEHETFGVGINHI
;
A,B
#
# COMPACT_ATOMS: atom_id res chain seq x y z
N THR C 1 -7.21 -20.87 5.44
CA THR C 1 -7.15 -19.47 5.96
C THR C 1 -5.71 -19.00 6.09
N LEU C 2 -5.52 -17.68 6.01
CA LEU C 2 -4.19 -17.08 6.11
C LEU C 2 -3.56 -17.35 7.48
N HIS C 3 -2.28 -17.69 7.48
CA HIS C 3 -1.57 -17.96 8.73
C HIS C 3 -1.09 -16.65 9.35
N LYS C 4 -1.60 -16.33 10.53
CA LYS C 4 -1.26 -15.10 11.25
C LYS C 4 0.22 -14.72 11.23
N GLU C 5 1.10 -15.71 11.31
CA GLU C 5 2.54 -15.45 11.33
C GLU C 5 3.16 -15.51 9.94
N ARG C 6 2.33 -15.68 8.92
CA ARG C 6 2.87 -15.79 7.58
C ARG C 6 2.19 -14.86 6.57
N ARG C 7 1.74 -13.70 7.03
CA ARG C 7 1.08 -12.73 6.15
C ARG C 7 2.10 -12.09 5.21
N ILE C 8 2.28 -12.72 4.06
CA ILE C 8 3.22 -12.28 3.03
C ILE C 8 3.11 -10.79 2.68
N GLY C 9 1.88 -10.28 2.58
CA GLY C 9 1.71 -8.88 2.25
C GLY C 9 2.26 -7.97 3.33
N ARG C 10 1.80 -8.18 4.55
CA ARG C 10 2.24 -7.40 5.71
C ARG C 10 3.75 -7.48 5.90
N LEU C 11 4.28 -8.69 5.79
CA LEU C 11 5.71 -8.93 5.98
C LEU C 11 6.57 -8.21 4.92
N SER C 12 6.12 -8.24 3.67
CA SER C 12 6.90 -7.60 2.61
C SER C 12 6.87 -6.09 2.79
N VAL C 13 5.77 -5.58 3.34
CA VAL C 13 5.63 -4.15 3.56
C VAL C 13 6.53 -3.70 4.71
N LEU C 14 6.44 -4.40 5.84
CA LEU C 14 7.27 -4.06 7.00
C LEU C 14 8.74 -4.04 6.61
N LEU C 15 9.16 -5.02 5.81
CA LEU C 15 10.53 -5.11 5.35
C LEU C 15 10.89 -3.88 4.54
N LEU C 16 10.00 -3.52 3.63
CA LEU C 16 10.22 -2.38 2.77
C LEU C 16 10.34 -1.06 3.52
N LEU C 17 9.66 -0.96 4.67
CA LEU C 17 9.69 0.27 5.45
C LEU C 17 10.71 0.32 6.58
N ASN C 18 11.62 -0.65 6.61
CA ASN C 18 12.66 -0.71 7.64
C ASN C 18 13.95 -0.02 7.20
N SER C 23 20.90 -5.45 9.00
CA SER C 23 20.06 -6.17 9.95
C SER C 23 19.59 -7.48 9.34
N THR C 24 19.69 -7.56 8.02
CA THR C 24 19.29 -8.74 7.29
C THR C 24 17.98 -9.35 7.80
N GLN C 25 16.92 -8.53 7.84
CA GLN C 25 15.61 -9.03 8.26
C GLN C 25 15.29 -10.07 7.22
N VAL C 26 16.07 -10.05 6.15
CA VAL C 26 15.97 -10.98 5.05
C VAL C 26 16.35 -12.35 5.58
N GLU C 27 17.42 -12.38 6.37
CA GLU C 27 17.93 -13.62 6.98
C GLU C 27 16.81 -14.34 7.72
N GLU C 28 16.09 -13.62 8.56
CA GLU C 28 15.00 -14.21 9.32
C GLU C 28 13.91 -14.72 8.39
N LEU C 29 13.52 -13.89 7.42
CA LEU C 29 12.49 -14.28 6.46
C LEU C 29 12.94 -15.51 5.68
N GLU C 30 14.21 -15.51 5.29
CA GLU C 30 14.76 -16.62 4.53
C GLU C 30 14.84 -17.87 5.39
N ARG C 31 15.22 -17.71 6.65
CA ARG C 31 15.31 -18.85 7.55
C ARG C 31 13.93 -19.49 7.68
N ASP C 32 12.89 -18.67 7.67
CA ASP C 32 11.52 -19.17 7.78
C ASP C 32 11.03 -19.79 6.47
N GLY C 33 11.89 -19.84 5.46
CA GLY C 33 11.50 -20.43 4.20
C GLY C 33 11.09 -19.50 3.07
N TRP C 34 11.05 -18.20 3.33
CA TRP C 34 10.66 -17.23 2.32
C TRP C 34 11.79 -16.94 1.33
N LYS C 35 11.42 -16.73 0.07
CA LYS C 35 12.38 -16.36 -0.97
C LYS C 35 12.20 -14.85 -0.99
N VAL C 36 13.27 -14.12 -0.68
CA VAL C 36 13.16 -12.68 -0.61
C VAL C 36 14.04 -11.91 -1.58
N CYS C 37 13.56 -10.75 -1.96
CA CYS C 37 14.25 -9.89 -2.90
C CYS C 37 13.95 -8.41 -2.61
N LEU C 38 15.00 -7.60 -2.52
CA LEU C 38 14.87 -6.18 -2.26
C LEU C 38 15.61 -5.40 -3.34
N GLY C 39 15.07 -4.25 -3.72
CA GLY C 39 15.71 -3.45 -4.74
C GLY C 39 15.16 -2.03 -4.79
N LYS C 40 15.71 -1.24 -5.70
CA LYS C 40 15.28 0.14 -5.87
C LYS C 40 15.29 0.53 -7.34
N VAL C 41 14.33 1.35 -7.73
CA VAL C 41 14.22 1.79 -9.10
C VAL C 41 13.45 3.10 -9.17
N GLY C 42 13.91 3.98 -10.05
CA GLY C 42 13.27 5.28 -10.22
C GLY C 42 13.17 5.49 -11.71
N SER C 43 12.08 6.09 -12.17
CA SER C 43 11.92 6.30 -13.60
C SER C 43 10.64 7.03 -13.96
N MET C 44 10.55 7.42 -15.22
CA MET C 44 9.39 8.09 -15.75
C MET C 44 8.74 7.13 -16.73
N ASP C 45 9.30 5.92 -16.80
CA ASP C 45 8.79 4.85 -17.65
C ASP C 45 8.44 3.64 -16.79
N ALA C 46 7.16 3.32 -16.72
CA ALA C 46 6.71 2.18 -15.93
C ALA C 46 7.40 0.88 -16.33
N HIS C 47 7.67 0.70 -17.63
CA HIS C 47 8.31 -0.53 -18.06
C HIS C 47 9.68 -0.73 -17.40
N LYS C 48 10.35 0.36 -17.03
CA LYS C 48 11.65 0.25 -16.39
C LYS C 48 11.48 -0.25 -14.95
N VAL C 49 10.36 0.11 -14.33
CA VAL C 49 10.09 -0.34 -12.96
C VAL C 49 9.76 -1.84 -13.00
N ILE C 50 8.98 -2.22 -14.00
CA ILE C 50 8.59 -3.62 -14.16
C ILE C 50 9.83 -4.48 -14.43
N ALA C 51 10.73 -3.95 -15.25
CA ALA C 51 11.96 -4.66 -15.62
C ALA C 51 12.90 -4.88 -14.44
N ALA C 52 13.07 -3.86 -13.61
CA ALA C 52 13.96 -4.01 -12.46
C ALA C 52 13.44 -5.05 -11.47
N ILE C 53 12.13 -5.06 -11.23
CA ILE C 53 11.54 -6.01 -10.31
C ILE C 53 11.69 -7.43 -10.84
N GLU C 54 11.50 -7.60 -12.14
CA GLU C 54 11.62 -8.90 -12.77
C GLU C 54 13.07 -9.38 -12.73
N THR C 55 13.98 -8.55 -13.22
CA THR C 55 15.39 -8.90 -13.24
C THR C 55 15.89 -9.25 -11.85
N ALA C 56 15.66 -8.36 -10.89
CA ALA C 56 16.09 -8.59 -9.51
C ALA C 56 15.46 -9.87 -8.94
N SER C 57 14.22 -10.14 -9.32
CA SER C 57 13.51 -11.31 -8.83
C SER C 57 14.10 -12.61 -9.38
N LYS C 58 14.51 -12.58 -10.64
CA LYS C 58 15.09 -13.77 -11.26
C LYS C 58 16.52 -13.99 -10.80
N LYS C 59 17.31 -12.91 -10.71
CA LYS C 59 18.69 -13.01 -10.27
C LYS C 59 18.78 -13.52 -8.84
N SER C 60 17.91 -13.02 -7.97
CA SER C 60 17.90 -13.41 -6.56
C SER C 60 17.28 -14.80 -6.38
N GLY C 61 16.66 -15.33 -7.43
CA GLY C 61 16.04 -16.63 -7.33
C GLY C 61 14.64 -16.66 -6.73
N VAL C 62 13.98 -15.50 -6.67
CA VAL C 62 12.62 -15.45 -6.11
C VAL C 62 11.65 -16.18 -7.05
N ILE C 63 11.95 -16.16 -8.35
CA ILE C 63 11.13 -16.88 -9.33
C ILE C 63 12.05 -17.56 -10.32
N GLN C 64 11.55 -18.56 -11.02
CA GLN C 64 12.33 -19.29 -12.01
C GLN C 64 12.72 -18.41 -13.18
N SER C 65 13.97 -18.50 -13.61
CA SER C 65 14.45 -17.72 -14.74
C SER C 65 13.94 -18.35 -16.04
N GLU C 66 13.64 -19.65 -15.98
CA GLU C 66 13.16 -20.38 -17.14
C GLU C 66 11.64 -20.47 -17.13
N GLY C 67 11.04 -20.67 -18.30
CA GLY C 67 9.60 -20.79 -18.39
C GLY C 67 8.85 -19.47 -18.32
N TYR C 68 7.54 -19.53 -18.53
CA TYR C 68 6.68 -18.36 -18.51
C TYR C 68 5.85 -18.31 -17.24
N ARG C 69 5.33 -19.46 -16.84
CA ARG C 69 4.49 -19.58 -15.65
C ARG C 69 4.79 -18.61 -14.50
N GLU C 70 5.98 -18.70 -13.92
CA GLU C 70 6.32 -17.82 -12.80
C GLU C 70 6.53 -16.38 -13.20
N SER C 71 6.98 -16.13 -14.42
CA SER C 71 7.16 -14.75 -14.86
C SER C 71 5.78 -14.14 -14.96
N HIS C 72 4.84 -14.92 -15.49
CA HIS C 72 3.47 -14.47 -15.65
C HIS C 72 2.85 -14.07 -14.32
N ALA C 73 3.04 -14.89 -13.29
CA ALA C 73 2.48 -14.59 -11.98
C ALA C 73 3.06 -13.28 -11.44
N LEU C 74 4.37 -13.10 -11.61
CA LEU C 74 5.05 -11.91 -11.13
C LEU C 74 4.61 -10.66 -11.86
N TYR C 75 4.42 -10.78 -13.17
CA TYR C 75 4.00 -9.64 -13.99
C TYR C 75 2.67 -9.09 -13.50
N HIS C 76 1.73 -9.99 -13.23
CA HIS C 76 0.42 -9.54 -12.77
C HIS C 76 0.48 -9.00 -11.35
N ALA C 77 1.33 -9.61 -10.53
CA ALA C 77 1.48 -9.14 -9.16
C ALA C 77 2.04 -7.72 -9.24
N THR C 78 2.98 -7.51 -10.17
CA THR C 78 3.58 -6.20 -10.35
C THR C 78 2.51 -5.20 -10.83
N MET C 79 1.70 -5.63 -11.80
CA MET C 79 0.64 -4.75 -12.30
C MET C 79 -0.26 -4.32 -11.15
N GLU C 80 -0.67 -5.27 -10.32
CA GLU C 80 -1.55 -4.94 -9.21
C GLU C 80 -0.92 -3.94 -8.25
N ALA C 81 0.37 -4.09 -7.96
CA ALA C 81 1.06 -3.16 -7.08
C ALA C 81 1.13 -1.78 -7.73
N LEU C 82 1.26 -1.77 -9.06
CA LEU C 82 1.33 -0.50 -9.80
C LEU C 82 0.04 0.28 -9.73
N HIS C 83 -1.06 -0.40 -9.43
CA HIS C 83 -2.34 0.29 -9.32
C HIS C 83 -2.31 1.22 -8.10
N GLY C 84 -1.78 0.73 -6.99
CA GLY C 84 -1.71 1.52 -5.79
C GLY C 84 -0.80 2.72 -5.96
N VAL C 85 0.25 2.54 -6.76
CA VAL C 85 1.21 3.60 -7.03
C VAL C 85 0.68 4.66 -7.99
N THR C 86 0.02 4.23 -9.06
CA THR C 86 -0.50 5.17 -10.07
C THR C 86 -1.93 5.64 -9.84
N ARG C 87 -2.72 4.83 -9.14
CA ARG C 87 -4.10 5.17 -8.80
C ARG C 87 -5.00 5.71 -9.91
N GLY C 88 -5.15 5.00 -11.02
CA GLY C 88 -6.03 5.48 -12.07
C GLY C 88 -5.52 5.32 -13.48
N GLU C 89 -4.35 5.89 -13.74
CA GLU C 89 -3.75 5.78 -15.07
C GLU C 89 -2.37 5.20 -14.80
N MET C 90 -2.12 3.99 -15.28
CA MET C 90 -0.81 3.38 -15.05
C MET C 90 0.18 4.03 -16.00
N LEU C 91 0.34 5.33 -15.82
CA LEU C 91 1.22 6.15 -16.64
C LEU C 91 2.09 7.04 -15.77
N LEU C 92 3.30 7.31 -16.23
CA LEU C 92 4.22 8.17 -15.50
C LEU C 92 4.63 9.35 -16.38
N GLY C 93 5.74 9.19 -17.11
CA GLY C 93 6.22 10.25 -17.99
C GLY C 93 5.16 10.91 -18.86
N SER C 94 4.33 10.11 -19.52
CA SER C 94 3.29 10.67 -20.38
C SER C 94 2.31 11.56 -19.63
N LEU C 95 2.29 11.45 -18.30
CA LEU C 95 1.41 12.28 -17.47
C LEU C 95 2.24 13.27 -16.65
N LEU C 96 3.41 13.58 -17.16
CA LEU C 96 4.33 14.52 -16.53
C LEU C 96 4.63 14.22 -15.07
N ARG C 97 4.84 12.95 -14.75
CA ARG C 97 5.19 12.59 -13.38
C ARG C 97 6.25 11.52 -13.40
N THR C 98 6.99 11.45 -12.31
CA THR C 98 8.09 10.51 -12.16
C THR C 98 7.99 9.81 -10.82
N VAL C 99 8.60 8.63 -10.72
CA VAL C 99 8.54 7.88 -9.48
C VAL C 99 9.93 7.45 -8.99
N GLY C 100 10.11 7.48 -7.67
CA GLY C 100 11.35 7.04 -7.05
C GLY C 100 10.92 5.93 -6.09
N LEU C 101 11.24 4.68 -6.45
CA LEU C 101 10.81 3.56 -5.63
C LEU C 101 11.84 2.62 -5.04
N ARG C 102 11.39 1.95 -3.98
CA ARG C 102 12.13 0.94 -3.26
C ARG C 102 11.12 -0.20 -3.35
N PHE C 103 11.57 -1.41 -3.63
CA PHE C 103 10.63 -2.51 -3.74
C PHE C 103 11.08 -3.79 -3.08
N ALA C 104 10.10 -4.64 -2.77
CA ALA C 104 10.36 -5.93 -2.16
C ALA C 104 9.48 -6.98 -2.82
N VAL C 105 10.03 -8.18 -2.97
CA VAL C 105 9.27 -9.28 -3.54
C VAL C 105 9.47 -10.42 -2.57
N LEU C 106 8.35 -10.98 -2.11
CA LEU C 106 8.38 -12.07 -1.15
C LEU C 106 7.59 -13.24 -1.72
N ARG C 107 8.17 -14.43 -1.68
CA ARG C 107 7.50 -15.60 -2.19
C ARG C 107 7.42 -16.73 -1.16
N GLY C 108 6.25 -17.33 -1.04
CA GLY C 108 6.07 -18.41 -0.09
C GLY C 108 4.59 -18.67 0.18
N ASN C 109 4.31 -19.64 1.04
CA ASN C 109 2.92 -19.98 1.37
C ASN C 109 2.46 -19.23 2.62
N PRO C 110 1.48 -18.34 2.47
CA PRO C 110 0.97 -17.59 3.63
C PRO C 110 -0.25 -18.22 4.30
N TYR C 111 -0.70 -19.36 3.79
CA TYR C 111 -1.88 -20.00 4.36
C TYR C 111 -1.54 -21.15 5.32
N GLU C 112 -2.54 -21.57 6.09
CA GLU C 112 -2.37 -22.65 7.05
C GLU C 112 -2.22 -23.97 6.33
N SER C 113 -2.96 -24.12 5.22
CA SER C 113 -2.88 -25.35 4.44
C SER C 113 -1.69 -25.25 3.49
N GLU C 114 -0.84 -26.27 3.52
CA GLU C 114 0.32 -26.28 2.65
C GLU C 114 -0.08 -26.58 1.22
N ALA C 115 -1.35 -26.93 1.02
CA ALA C 115 -1.84 -27.24 -0.31
C ALA C 115 -2.04 -25.98 -1.15
N GLU C 116 -2.03 -24.83 -0.48
CA GLU C 116 -2.22 -23.55 -1.17
C GLU C 116 -1.00 -23.18 -2.00
N GLY C 117 0.08 -23.95 -1.84
CA GLY C 117 1.30 -23.69 -2.59
C GLY C 117 1.88 -22.31 -2.37
N ASP C 118 2.77 -21.89 -3.27
CA ASP C 118 3.40 -20.60 -3.17
C ASP C 118 2.58 -19.45 -3.75
N TRP C 119 2.77 -18.28 -3.15
CA TRP C 119 2.12 -17.05 -3.56
C TRP C 119 3.22 -16.03 -3.62
N ILE C 120 2.99 -14.92 -4.31
CA ILE C 120 4.02 -13.91 -4.42
C ILE C 120 3.47 -12.52 -4.14
N ALA C 121 4.25 -11.72 -3.45
CA ALA C 121 3.86 -10.36 -3.12
C ALA C 121 4.87 -9.34 -3.63
N VAL C 122 4.38 -8.28 -4.25
CA VAL C 122 5.21 -7.21 -4.77
C VAL C 122 4.81 -5.94 -4.04
N SER C 123 5.76 -5.34 -3.32
CA SER C 123 5.49 -4.15 -2.56
C SER C 123 6.35 -2.99 -3.02
N LEU C 124 5.70 -1.86 -3.24
CA LEU C 124 6.38 -0.67 -3.70
C LEU C 124 6.15 0.49 -2.74
N TYR C 125 7.20 1.25 -2.49
CA TYR C 125 7.11 2.42 -1.62
C TYR C 125 8.16 3.43 -2.06
N GLY C 126 7.74 4.68 -2.16
CA GLY C 126 8.66 5.72 -2.56
C GLY C 126 7.90 7.03 -2.71
N THR C 127 8.29 7.81 -3.71
CA THR C 127 7.66 9.09 -3.97
C THR C 127 7.23 9.19 -5.44
N ILE C 128 6.21 9.99 -5.68
CA ILE C 128 5.72 10.22 -7.04
C ILE C 128 5.45 11.71 -7.10
N GLY C 129 5.68 12.33 -8.26
CA GLY C 129 5.44 13.76 -8.34
C GLY C 129 5.86 14.33 -9.68
N ALA C 130 5.90 15.65 -9.78
CA ALA C 130 6.32 16.30 -11.02
C ALA C 130 7.82 16.08 -11.19
N PRO C 131 8.35 16.24 -12.41
CA PRO C 131 9.78 16.04 -12.64
C PRO C 131 10.58 17.21 -12.05
N ILE C 132 10.52 17.36 -10.74
CA ILE C 132 11.22 18.43 -10.04
C ILE C 132 11.36 18.06 -8.57
N LYS C 133 12.60 17.90 -8.11
CA LYS C 133 12.89 17.54 -6.73
C LYS C 133 12.02 18.32 -5.72
N GLY C 134 11.36 17.60 -4.83
CA GLY C 134 10.54 18.24 -3.82
C GLY C 134 9.05 18.29 -4.14
N LEU C 135 8.72 18.50 -5.41
CA LEU C 135 7.32 18.55 -5.82
C LEU C 135 6.85 17.11 -5.93
N GLU C 136 6.66 16.48 -4.77
CA GLU C 136 6.29 15.08 -4.74
C GLU C 136 5.73 14.69 -3.38
N HIS C 137 5.10 13.53 -3.34
CA HIS C 137 4.56 12.99 -2.10
C HIS C 137 4.72 11.48 -2.19
N GLU C 138 4.43 10.78 -1.11
CA GLU C 138 4.60 9.34 -1.07
C GLU C 138 3.64 8.55 -1.95
N THR C 139 4.06 7.34 -2.29
CA THR C 139 3.25 6.47 -3.10
C THR C 139 3.48 5.08 -2.55
N PHE C 140 2.48 4.20 -2.69
CA PHE C 140 2.57 2.87 -2.13
C PHE C 140 1.73 1.88 -2.94
N GLY C 141 2.20 0.64 -3.05
CA GLY C 141 1.45 -0.36 -3.79
C GLY C 141 1.83 -1.78 -3.42
N VAL C 142 0.84 -2.66 -3.33
CA VAL C 142 1.05 -4.06 -3.00
C VAL C 142 0.20 -4.90 -3.95
N GLY C 143 0.82 -5.94 -4.52
CA GLY C 143 0.13 -6.81 -5.43
C GLY C 143 0.41 -8.21 -4.92
N ILE C 144 -0.60 -9.07 -4.93
CA ILE C 144 -0.43 -10.45 -4.46
C ILE C 144 -0.97 -11.39 -5.51
N ASN C 145 -0.31 -12.52 -5.71
CA ASN C 145 -0.74 -13.48 -6.72
C ASN C 145 -0.25 -14.88 -6.38
N HIS C 146 -0.93 -15.88 -6.93
CA HIS C 146 -0.52 -17.26 -6.69
C HIS C 146 0.59 -17.55 -7.70
N ILE C 147 1.52 -18.43 -7.34
CA ILE C 147 2.63 -18.77 -8.22
C ILE C 147 3.05 -20.21 -8.00
N THR D 1 10.78 19.98 0.20
CA THR D 1 11.18 18.55 0.30
C THR D 1 10.52 17.89 1.51
N LEU D 2 10.26 16.60 1.39
CA LEU D 2 9.64 15.82 2.46
C LEU D 2 10.59 15.68 3.65
N HIS D 3 10.08 15.91 4.85
CA HIS D 3 10.89 15.78 6.05
C HIS D 3 11.04 14.28 6.36
N LYS D 4 12.28 13.81 6.36
CA LYS D 4 12.55 12.38 6.58
C LYS D 4 11.90 11.75 7.80
N GLU D 5 11.68 12.53 8.86
CA GLU D 5 11.06 11.96 10.06
C GLU D 5 9.61 12.38 10.20
N ARG D 6 9.03 12.84 9.09
CA ARG D 6 7.64 13.27 9.07
C ARG D 6 6.92 12.73 7.84
N ARG D 7 7.31 11.55 7.39
CA ARG D 7 6.69 10.94 6.22
C ARG D 7 5.31 10.39 6.60
N ILE D 8 4.30 11.22 6.39
CA ILE D 8 2.92 10.89 6.70
C ILE D 8 2.46 9.54 6.15
N GLY D 9 2.95 9.17 4.98
CA GLY D 9 2.56 7.90 4.38
C GLY D 9 3.10 6.70 5.13
N ARG D 10 4.42 6.66 5.25
CA ARG D 10 5.12 5.58 5.95
C ARG D 10 4.57 5.45 7.37
N LEU D 11 4.43 6.59 8.05
CA LEU D 11 3.94 6.61 9.43
C LEU D 11 2.54 5.99 9.59
N SER D 12 1.62 6.35 8.71
CA SER D 12 0.26 5.83 8.79
C SER D 12 0.24 4.32 8.53
N VAL D 13 1.15 3.87 7.67
CA VAL D 13 1.24 2.46 7.33
C VAL D 13 1.80 1.66 8.52
N LEU D 14 2.94 2.10 9.04
CA LEU D 14 3.57 1.43 10.18
C LEU D 14 2.59 1.31 11.35
N LEU D 15 1.79 2.35 11.56
CA LEU D 15 0.80 2.36 12.64
C LEU D 15 -0.23 1.27 12.39
N LEU D 16 -0.70 1.22 11.15
CA LEU D 16 -1.71 0.25 10.75
C LEU D 16 -1.25 -1.20 10.86
N LEU D 17 0.03 -1.44 10.57
CA LEU D 17 0.56 -2.80 10.60
C LEU D 17 1.12 -3.25 11.94
N ASN D 18 1.16 -2.35 12.91
CA ASN D 18 1.64 -2.66 14.25
C ASN D 18 0.47 -2.57 15.22
N GLU D 19 -0.42 -3.56 15.15
CA GLU D 19 -1.60 -3.59 16.00
C GLU D 19 -2.22 -2.20 16.14
N THR D 24 -0.70 5.26 22.49
CA THR D 24 0.56 4.54 22.45
C THR D 24 1.37 5.08 21.27
N GLN D 25 1.24 4.44 20.12
CA GLN D 25 1.92 4.93 18.93
C GLN D 25 1.11 6.15 18.53
N VAL D 26 -0.16 6.15 18.92
CA VAL D 26 -1.07 7.25 18.64
C VAL D 26 -0.67 8.46 19.47
N GLU D 27 -0.47 8.25 20.77
CA GLU D 27 -0.08 9.33 21.65
C GLU D 27 1.24 9.96 21.22
N GLU D 28 2.16 9.15 20.72
CA GLU D 28 3.45 9.67 20.28
C GLU D 28 3.25 10.51 19.02
N LEU D 29 2.42 10.04 18.11
CA LEU D 29 2.13 10.76 16.88
C LEU D 29 1.45 12.07 17.22
N GLU D 30 0.49 12.00 18.13
CA GLU D 30 -0.25 13.17 18.54
C GLU D 30 0.65 14.17 19.22
N ARG D 31 1.59 13.69 20.04
CA ARG D 31 2.52 14.58 20.72
C ARG D 31 3.36 15.32 19.68
N ASP D 32 3.65 14.67 18.56
CA ASP D 32 4.44 15.30 17.51
C ASP D 32 3.60 16.25 16.66
N GLY D 33 2.32 16.40 17.02
CA GLY D 33 1.45 17.31 16.28
C GLY D 33 0.53 16.71 15.23
N TRP D 34 0.55 15.39 15.08
CA TRP D 34 -0.33 14.74 14.08
C TRP D 34 -1.74 14.54 14.61
N LYS D 35 -2.71 14.61 13.71
CA LYS D 35 -4.12 14.37 14.05
C LYS D 35 -4.28 12.94 13.55
N VAL D 36 -4.69 12.03 14.42
CA VAL D 36 -4.78 10.62 14.07
C VAL D 36 -6.09 9.94 14.45
N CYS D 37 -6.44 8.91 13.70
CA CYS D 37 -7.63 8.14 13.99
C CYS D 37 -7.51 6.77 13.32
N LEU D 38 -7.83 5.73 14.09
CA LEU D 38 -7.77 4.36 13.61
C LEU D 38 -9.19 3.79 13.61
N GLY D 39 -9.41 2.79 12.76
CA GLY D 39 -10.72 2.19 12.70
C GLY D 39 -10.73 0.90 11.90
N LYS D 40 -11.85 0.21 11.91
CA LYS D 40 -11.99 -1.03 11.18
C LYS D 40 -13.37 -1.09 10.53
N VAL D 41 -13.42 -1.58 9.30
CA VAL D 41 -14.67 -1.69 8.58
C VAL D 41 -14.55 -2.82 7.56
N GLY D 42 -15.65 -3.54 7.38
CA GLY D 42 -15.68 -4.63 6.44
C GLY D 42 -16.99 -4.53 5.69
N SER D 43 -16.98 -4.82 4.40
CA SER D 43 -18.21 -4.70 3.64
C SER D 43 -18.07 -5.19 2.21
N MET D 44 -19.21 -5.28 1.53
CA MET D 44 -19.25 -5.68 0.13
C MET D 44 -19.72 -4.44 -0.62
N ASP D 45 -19.89 -3.35 0.14
CA ASP D 45 -20.32 -2.05 -0.39
C ASP D 45 -19.24 -1.01 -0.12
N ALA D 46 -18.59 -0.51 -1.17
CA ALA D 46 -17.55 0.49 -1.02
C ALA D 46 -18.00 1.75 -0.31
N HIS D 47 -19.24 2.19 -0.53
CA HIS D 47 -19.68 3.41 0.15
C HIS D 47 -19.63 3.28 1.67
N LYS D 48 -19.74 2.05 2.18
CA LYS D 48 -19.69 1.82 3.62
C LYS D 48 -18.28 2.00 4.14
N VAL D 49 -17.29 1.61 3.33
CA VAL D 49 -15.89 1.79 3.72
C VAL D 49 -15.59 3.28 3.71
N ILE D 50 -16.15 3.99 2.75
CA ILE D 50 -15.92 5.42 2.64
C ILE D 50 -16.59 6.15 3.81
N ALA D 51 -17.79 5.69 4.17
CA ALA D 51 -18.55 6.29 5.27
C ALA D 51 -17.87 6.13 6.62
N ALA D 52 -17.38 4.92 6.91
CA ALA D 52 -16.71 4.68 8.18
C ALA D 52 -15.48 5.58 8.36
N ILE D 53 -14.67 5.68 7.31
CA ILE D 53 -13.46 6.50 7.34
C ILE D 53 -13.81 7.97 7.57
N GLU D 54 -14.86 8.45 6.91
CA GLU D 54 -15.29 9.83 7.05
C GLU D 54 -15.85 10.11 8.45
N THR D 55 -16.69 9.20 8.92
CA THR D 55 -17.29 9.35 10.24
C THR D 55 -16.23 9.32 11.33
N ALA D 56 -15.32 8.36 11.24
CA ALA D 56 -14.25 8.25 12.23
C ALA D 56 -13.34 9.48 12.21
N SER D 57 -13.01 9.94 11.01
CA SER D 57 -12.15 11.10 10.84
C SER D 57 -12.76 12.39 11.38
N LYS D 58 -14.08 12.53 11.25
CA LYS D 58 -14.76 13.72 11.73
C LYS D 58 -15.01 13.69 13.23
N LYS D 59 -15.37 12.52 13.75
CA LYS D 59 -15.63 12.38 15.18
C LYS D 59 -14.34 12.48 16.00
N SER D 60 -13.26 11.95 15.48
CA SER D 60 -11.98 11.99 16.17
C SER D 60 -11.30 13.35 15.95
N GLY D 61 -11.93 14.19 15.13
CA GLY D 61 -11.37 15.50 14.87
C GLY D 61 -10.21 15.58 13.88
N VAL D 62 -10.02 14.54 13.07
CA VAL D 62 -8.93 14.56 12.10
C VAL D 62 -9.23 15.60 11.01
N ILE D 63 -10.51 15.83 10.76
CA ILE D 63 -10.94 16.84 9.79
C ILE D 63 -12.17 17.56 10.34
N GLN D 64 -12.37 18.80 9.90
CA GLN D 64 -13.52 19.60 10.35
C GLN D 64 -14.81 18.90 9.94
N SER D 65 -15.78 18.89 10.84
CA SER D 65 -17.07 18.28 10.52
C SER D 65 -17.91 19.28 9.71
N GLU D 66 -17.55 20.55 9.79
CA GLU D 66 -18.26 21.60 9.07
C GLU D 66 -17.56 21.92 7.75
N GLY D 67 -18.32 22.47 6.80
CA GLY D 67 -17.75 22.82 5.52
C GLY D 67 -17.48 21.63 4.61
N TYR D 68 -17.14 21.93 3.35
CA TYR D 68 -16.87 20.91 2.36
C TYR D 68 -15.38 20.67 2.16
N ARG D 69 -14.63 21.76 2.10
CA ARG D 69 -13.18 21.71 1.90
C ARG D 69 -12.45 20.48 2.41
N GLU D 70 -12.44 20.27 3.72
CA GLU D 70 -11.73 19.13 4.28
C GLU D 70 -12.38 17.78 3.99
N SER D 71 -13.70 17.78 3.82
CA SER D 71 -14.38 16.54 3.50
C SER D 71 -13.98 16.14 2.08
N HIS D 72 -13.84 17.15 1.24
CA HIS D 72 -13.46 16.96 -0.17
C HIS D 72 -12.06 16.36 -0.27
N ALA D 73 -11.14 16.88 0.53
CA ALA D 73 -9.77 16.37 0.52
C ALA D 73 -9.73 14.91 0.97
N LEU D 74 -10.49 14.61 2.02
CA LEU D 74 -10.54 13.26 2.55
C LEU D 74 -11.20 12.28 1.58
N TYR D 75 -12.23 12.75 0.87
CA TYR D 75 -12.92 11.89 -0.09
C TYR D 75 -11.96 11.40 -1.18
N HIS D 76 -11.19 12.32 -1.73
CA HIS D 76 -10.26 11.97 -2.78
C HIS D 76 -9.08 11.15 -2.29
N ALA D 77 -8.70 11.36 -1.03
CA ALA D 77 -7.60 10.59 -0.48
C ALA D 77 -8.09 9.16 -0.28
N THR D 78 -9.36 9.02 0.14
CA THR D 78 -9.94 7.69 0.35
C THR D 78 -10.06 6.99 -1.01
N MET D 79 -10.44 7.74 -2.03
CA MET D 79 -10.55 7.19 -3.36
C MET D 79 -9.21 6.64 -3.83
N GLU D 80 -8.15 7.42 -3.63
CA GLU D 80 -6.82 7.00 -4.03
C GLU D 80 -6.39 5.73 -3.31
N ALA D 81 -6.73 5.62 -2.03
CA ALA D 81 -6.40 4.44 -1.24
C ALA D 81 -7.18 3.23 -1.75
N LEU D 82 -8.41 3.46 -2.21
CA LEU D 82 -9.24 2.38 -2.73
C LEU D 82 -8.71 1.79 -4.01
N HIS D 83 -7.90 2.56 -4.74
CA HIS D 83 -7.30 2.07 -5.97
C HIS D 83 -6.35 0.92 -5.63
N GLY D 84 -5.58 1.10 -4.57
CA GLY D 84 -4.64 0.08 -4.15
C GLY D 84 -5.36 -1.16 -3.68
N VAL D 85 -6.50 -0.95 -3.01
CA VAL D 85 -7.30 -2.05 -2.51
C VAL D 85 -8.06 -2.80 -3.61
N THR D 86 -8.66 -2.07 -4.55
CA THR D 86 -9.43 -2.72 -5.62
C THR D 86 -8.68 -3.02 -6.92
N ARG D 87 -7.59 -2.31 -7.17
CA ARG D 87 -6.75 -2.53 -8.34
C ARG D 87 -7.45 -2.71 -9.69
N GLY D 88 -8.11 -1.68 -10.20
CA GLY D 88 -8.76 -1.82 -11.49
C GLY D 88 -10.22 -1.45 -11.53
N GLU D 89 -11.04 -2.13 -10.73
CA GLU D 89 -12.46 -1.83 -10.69
C GLU D 89 -12.81 -1.51 -9.23
N MET D 90 -13.18 -0.27 -8.96
CA MET D 90 -13.51 0.11 -7.60
C MET D 90 -14.88 -0.44 -7.25
N LEU D 91 -14.97 -1.77 -7.28
CA LEU D 91 -16.19 -2.50 -7.01
C LEU D 91 -15.90 -3.69 -6.10
N LEU D 92 -16.86 -4.00 -5.24
CA LEU D 92 -16.74 -5.09 -4.32
C LEU D 92 -17.85 -6.11 -4.56
N GLY D 93 -18.99 -5.92 -3.90
CA GLY D 93 -20.12 -6.82 -4.07
C GLY D 93 -20.55 -7.12 -5.50
N SER D 94 -20.63 -6.09 -6.34
CA SER D 94 -21.04 -6.30 -7.73
C SER D 94 -20.09 -7.20 -8.49
N LEU D 95 -18.87 -7.37 -7.96
CA LEU D 95 -17.87 -8.24 -8.60
C LEU D 95 -17.65 -9.47 -7.73
N LEU D 96 -18.66 -9.80 -6.93
CA LEU D 96 -18.61 -10.96 -6.05
C LEU D 96 -17.40 -10.99 -5.12
N ARG D 97 -17.04 -9.86 -4.54
CA ARG D 97 -15.92 -9.87 -3.60
C ARG D 97 -16.23 -8.99 -2.41
N THR D 98 -15.50 -9.22 -1.33
CA THR D 98 -15.71 -8.51 -0.08
C THR D 98 -14.38 -8.15 0.54
N VAL D 99 -14.37 -7.10 1.37
CA VAL D 99 -13.16 -6.68 2.05
C VAL D 99 -13.32 -6.59 3.57
N GLY D 100 -12.23 -6.88 4.26
CA GLY D 100 -12.20 -6.81 5.72
C GLY D 100 -11.04 -5.88 5.95
N LEU D 101 -11.32 -4.64 6.36
CA LEU D 101 -10.27 -3.67 6.54
C LEU D 101 -10.08 -2.99 7.89
N ARG D 102 -8.84 -2.54 8.08
CA ARG D 102 -8.42 -1.79 9.24
C ARG D 102 -7.92 -0.52 8.56
N PHE D 103 -8.20 0.64 9.13
CA PHE D 103 -7.75 1.86 8.48
C PHE D 103 -7.16 2.88 9.43
N ALA D 104 -6.31 3.74 8.88
CA ALA D 104 -5.66 4.79 9.63
C ALA D 104 -5.67 6.06 8.80
N VAL D 105 -5.95 7.18 9.46
CA VAL D 105 -5.96 8.47 8.78
C VAL D 105 -5.04 9.37 9.59
N LEU D 106 -4.08 9.96 8.90
CA LEU D 106 -3.10 10.84 9.54
C LEU D 106 -3.15 12.20 8.86
N ARG D 107 -3.06 13.26 9.65
CA ARG D 107 -3.10 14.61 9.12
C ARG D 107 -2.04 15.51 9.74
N GLY D 108 -1.29 16.20 8.88
CA GLY D 108 -0.24 17.07 9.36
C GLY D 108 0.68 17.45 8.22
N ASN D 109 1.72 18.23 8.52
CA ASN D 109 2.65 18.67 7.50
C ASN D 109 3.85 17.74 7.43
N PRO D 110 4.02 17.02 6.31
CA PRO D 110 5.14 16.10 6.16
C PRO D 110 6.36 16.75 5.49
N TYR D 111 6.23 18.01 5.09
CA TYR D 111 7.34 18.69 4.43
C TYR D 111 8.20 19.54 5.36
N GLU D 112 9.41 19.84 4.91
CA GLU D 112 10.33 20.64 5.70
C GLU D 112 9.81 22.07 5.80
N SER D 113 9.12 22.52 4.75
CA SER D 113 8.58 23.87 4.74
C SER D 113 7.21 23.94 5.39
N GLU D 114 7.11 24.78 6.40
CA GLU D 114 5.87 24.96 7.15
C GLU D 114 4.79 25.52 6.23
N ALA D 115 5.21 26.15 5.13
CA ALA D 115 4.29 26.74 4.17
C ALA D 115 3.48 25.70 3.38
N GLU D 116 3.94 24.45 3.40
CA GLU D 116 3.24 23.40 2.68
C GLU D 116 1.90 23.05 3.34
N GLY D 117 1.67 23.61 4.51
CA GLY D 117 0.41 23.36 5.20
C GLY D 117 0.18 21.90 5.54
N ASP D 118 -1.07 21.56 5.83
CA ASP D 118 -1.44 20.21 6.18
C ASP D 118 -1.76 19.33 4.98
N TRP D 119 -1.50 18.04 5.15
CA TRP D 119 -1.77 17.04 4.14
C TRP D 119 -2.46 15.92 4.89
N ILE D 120 -3.05 14.98 4.17
CA ILE D 120 -3.74 13.89 4.83
C ILE D 120 -3.49 12.56 4.13
N ALA D 121 -3.37 11.51 4.92
CA ALA D 121 -3.12 10.19 4.37
C ALA D 121 -4.17 9.21 4.85
N VAL D 122 -4.64 8.38 3.93
CA VAL D 122 -5.62 7.35 4.24
C VAL D 122 -4.97 6.03 3.88
N SER D 123 -4.83 5.15 4.88
CA SER D 123 -4.20 3.87 4.67
C SER D 123 -5.15 2.74 5.03
N LEU D 124 -5.17 1.73 4.17
CA LEU D 124 -6.04 0.59 4.36
C LEU D 124 -5.25 -0.70 4.29
N TYR D 125 -5.57 -1.62 5.19
CA TYR D 125 -4.93 -2.93 5.22
C TYR D 125 -5.93 -3.96 5.72
N GLY D 126 -5.99 -5.08 5.03
CA GLY D 126 -6.90 -6.13 5.43
C GLY D 126 -6.88 -7.22 4.41
N THR D 127 -8.03 -7.82 4.16
CA THR D 127 -8.13 -8.91 3.21
C THR D 127 -9.28 -8.66 2.25
N ILE D 128 -9.17 -9.25 1.07
CA ILE D 128 -10.20 -9.13 0.04
C ILE D 128 -10.31 -10.52 -0.58
N GLY D 129 -11.53 -10.92 -0.94
CA GLY D 129 -11.69 -12.23 -1.53
C GLY D 129 -13.14 -12.51 -1.83
N ALA D 130 -13.44 -13.77 -2.13
CA ALA D 130 -14.81 -14.18 -2.40
C ALA D 130 -15.57 -14.12 -1.06
N PRO D 131 -16.90 -14.08 -1.10
CA PRO D 131 -17.61 -14.02 0.18
C PRO D 131 -17.72 -15.41 0.82
N ILE D 132 -16.58 -15.91 1.29
CA ILE D 132 -16.45 -17.20 1.97
C ILE D 132 -15.13 -17.13 2.72
N LYS D 133 -15.19 -17.20 4.05
CA LYS D 133 -13.97 -17.11 4.85
C LYS D 133 -12.82 -17.99 4.37
N GLY D 134 -11.62 -17.43 4.34
CA GLY D 134 -10.47 -18.18 3.90
C GLY D 134 -10.12 -17.98 2.44
N LEU D 135 -11.13 -17.83 1.59
CA LEU D 135 -10.90 -17.61 0.16
C LEU D 135 -10.60 -16.12 -0.01
N GLU D 136 -9.41 -15.73 0.44
CA GLU D 136 -9.02 -14.34 0.40
C GLU D 136 -7.52 -14.18 0.53
N HIS D 137 -7.04 -12.96 0.27
CA HIS D 137 -5.63 -12.62 0.42
C HIS D 137 -5.57 -11.15 0.82
N GLU D 138 -4.40 -10.71 1.26
CA GLU D 138 -4.23 -9.33 1.69
C GLU D 138 -4.46 -8.27 0.63
N THR D 139 -4.69 -7.05 1.10
CA THR D 139 -4.91 -5.92 0.21
C THR D 139 -4.48 -4.66 0.98
N PHE D 140 -3.81 -3.73 0.29
CA PHE D 140 -3.33 -2.48 0.89
C PHE D 140 -3.72 -1.31 0.01
N GLY D 141 -3.80 -0.14 0.61
CA GLY D 141 -4.13 1.06 -0.14
C GLY D 141 -3.75 2.30 0.65
N VAL D 142 -3.08 3.24 -0.01
CA VAL D 142 -2.69 4.49 0.62
C VAL D 142 -3.01 5.64 -0.30
N GLY D 143 -3.74 6.63 0.21
CA GLY D 143 -4.07 7.80 -0.57
C GLY D 143 -3.52 9.00 0.16
N ILE D 144 -2.92 9.93 -0.56
CA ILE D 144 -2.35 11.12 0.06
C ILE D 144 -2.88 12.36 -0.66
N ASN D 145 -3.29 13.36 0.12
CA ASN D 145 -3.83 14.57 -0.45
C ASN D 145 -3.57 15.79 0.43
N HIS D 146 -3.63 16.97 -0.17
CA HIS D 146 -3.43 18.21 0.56
C HIS D 146 -4.77 18.66 1.14
N ILE D 147 -4.75 19.23 2.35
CA ILE D 147 -5.97 19.73 2.98
C ILE D 147 -5.95 21.25 2.88
#